data_1TXD
#
_entry.id   1TXD
#
_cell.length_a   193.606
_cell.length_b   45.859
_cell.length_c   74.730
_cell.angle_alpha   90.00
_cell.angle_beta   107.49
_cell.angle_gamma   90.00
#
_symmetry.space_group_name_H-M   'C 1 2 1'
#
loop_
_entity.id
_entity.type
_entity.pdbx_description
1 polymer 'Rho guanine nucleotide exchange factor 12'
2 water water
#
_entity_poly.entity_id   1
_entity_poly.type   'polypeptide(L)'
_entity_poly.pdbx_seq_one_letter_code
;GSPPNWQQLVSREVLLGLKPCEIKRQEVINELFYTERAHVRTLKVLDQVFYQRVSREGILSPSELRKIFSNLEDILQLHI
GLNEQMKAVRKRNETSVIDQIGEDLLTWFSGPGEEKLKHAAATFCSNQPFALEMIKSRQKKDSRFQTFVQDAESNPLCRR
LQLKDIIPTQMQRLTKYPLLLDNIAKYTEWPTEREKVKKAADHCRQILNFVNQAVKEAENKQRLEDYQRRLDTSSLKLSE
YPNVEELRNLDLTKRKMIHEGPLVWKVNRDKTIDLYTLLLEDILVLLQKQDDRLVLRCHSKILASTADSKHTFSPVIKLS
TVLVRQVATDNKALFVISMSDNGAQIYELVAQTVSEKTVWQDLICRMAASVKEQSVDGGHHHHHH
;
_entity_poly.pdbx_strand_id   A
#
# COMPACT_ATOMS: atom_id res chain seq x y z
N PRO A 3 -2.68 33.51 4.53
CA PRO A 3 -1.53 34.08 3.76
C PRO A 3 -0.50 33.01 3.35
N PRO A 4 0.37 33.27 2.37
CA PRO A 4 1.33 32.27 1.86
C PRO A 4 2.80 32.30 2.38
N ASN A 5 3.50 33.44 2.29
CA ASN A 5 4.90 33.55 2.76
C ASN A 5 4.93 33.87 4.24
N TRP A 6 6.00 33.45 4.92
CA TRP A 6 6.14 33.70 6.36
C TRP A 6 6.51 35.14 6.72
N GLN A 7 7.53 35.68 6.07
CA GLN A 7 8.07 37.03 6.36
C GLN A 7 7.06 38.14 6.02
N GLN A 8 6.12 37.78 5.13
CA GLN A 8 4.94 38.60 4.83
C GLN A 8 4.06 38.84 6.04
N LEU A 9 3.82 37.81 6.85
CA LEU A 9 3.12 37.99 8.11
C LEU A 9 3.84 39.04 8.94
N VAL A 10 5.03 38.69 9.45
CA VAL A 10 5.71 39.48 10.49
C VAL A 10 6.09 40.86 10.02
N SER A 11 5.92 41.84 10.91
CA SER A 11 6.45 43.17 10.66
C SER A 11 7.95 43.05 10.33
N ARG A 12 8.41 43.79 9.31
CA ARG A 12 9.83 43.79 8.91
C ARG A 12 10.75 44.30 10.03
N GLU A 13 10.19 45.10 10.93
CA GLU A 13 10.95 45.81 11.96
C GLU A 13 11.14 44.98 13.23
N VAL A 14 10.55 43.78 13.25
CA VAL A 14 10.74 42.83 14.37
C VAL A 14 11.63 41.68 13.86
N LEU A 15 11.58 41.48 12.56
CA LEU A 15 12.47 40.60 11.82
C LEU A 15 13.95 41.02 11.93
N LEU A 16 14.16 42.31 12.12
CA LEU A 16 15.52 42.85 12.25
C LEU A 16 16.19 42.29 13.47
N GLY A 17 15.38 42.04 14.49
CA GLY A 17 15.84 41.54 15.76
C GLY A 17 16.05 40.04 15.84
N LEU A 18 15.60 39.27 14.87
CA LEU A 18 15.75 37.84 14.92
C LEU A 18 17.06 37.39 14.38
N LYS A 19 17.63 36.37 15.02
CA LYS A 19 18.83 35.70 14.50
C LYS A 19 18.52 35.09 13.12
N PRO A 20 19.52 35.05 12.24
CA PRO A 20 19.38 34.33 10.95
C PRO A 20 18.87 32.89 11.11
N CYS A 21 19.49 32.11 11.98
CA CYS A 21 19.04 30.76 12.23
C CYS A 21 17.60 30.71 12.72
N GLU A 22 17.17 31.74 13.43
CA GLU A 22 15.80 31.82 13.90
C GLU A 22 14.83 32.14 12.78
N ILE A 23 15.29 32.86 11.77
CA ILE A 23 14.48 33.08 10.58
C ILE A 23 14.27 31.77 9.81
N LYS A 24 15.31 30.93 9.72
CA LYS A 24 15.23 29.65 9.01
C LYS A 24 14.28 28.72 9.74
N ARG A 25 14.37 28.68 11.07
CA ARG A 25 13.44 27.91 11.91
C ARG A 25 12.02 28.29 11.56
N GLN A 26 11.75 29.59 11.37
CA GLN A 26 10.37 30.01 11.18
C GLN A 26 9.91 29.56 9.84
N GLU A 27 10.80 29.64 8.87
CA GLU A 27 10.48 29.30 7.50
C GLU A 27 10.11 27.82 7.39
N VAL A 28 10.86 26.94 8.07
CA VAL A 28 10.58 25.52 8.04
C VAL A 28 9.38 25.11 8.90
N ILE A 29 9.07 25.82 9.99
CA ILE A 29 7.82 25.57 10.69
C ILE A 29 6.67 25.97 9.76
N ASN A 30 6.89 27.01 8.99
CA ASN A 30 5.84 27.50 8.12
C ASN A 30 5.60 26.62 6.91
N GLU A 31 6.64 25.90 6.49
CA GLU A 31 6.54 24.92 5.45
C GLU A 31 5.64 23.76 5.91
N LEU A 32 5.76 23.34 7.17
CA LEU A 32 4.98 22.28 7.72
C LEU A 32 3.54 22.72 7.76
N PHE A 33 3.29 23.92 8.28
CA PHE A 33 1.94 24.43 8.34
C PHE A 33 1.32 24.59 6.96
N TYR A 34 2.02 25.25 6.03
CA TYR A 34 1.51 25.58 4.73
C TYR A 34 1.16 24.33 3.88
N THR A 35 2.03 23.33 3.87
CA THR A 35 1.82 22.14 3.07
C THR A 35 0.77 21.26 3.73
N GLU A 36 0.53 21.44 5.04
CA GLU A 36 -0.64 20.82 5.67
C GLU A 36 -1.93 21.45 5.17
N ARG A 37 -1.94 22.77 4.97
CA ARG A 37 -3.15 23.41 4.44
C ARG A 37 -3.41 22.97 2.98
N ALA A 38 -2.34 22.88 2.20
CA ALA A 38 -2.40 22.39 0.82
C ALA A 38 -2.98 20.98 0.81
N HIS A 39 -2.50 20.15 1.74
CA HIS A 39 -2.97 18.77 1.86
C HIS A 39 -4.45 18.64 2.13
N VAL A 40 -4.89 19.37 3.12
CA VAL A 40 -6.30 19.50 3.43
C VAL A 40 -7.14 19.85 2.22
N ARG A 41 -6.66 20.80 1.44
CA ARG A 41 -7.36 21.30 0.26
C ARG A 41 -7.54 20.23 -0.81
N THR A 42 -6.51 19.40 -0.99
CA THR A 42 -6.48 18.26 -1.86
C THR A 42 -7.52 17.22 -1.43
N LEU A 43 -7.57 17.01 -0.12
CA LEU A 43 -8.48 16.02 0.41
C LEU A 43 -9.93 16.54 0.22
N LYS A 44 -10.15 17.81 0.37
CA LYS A 44 -11.51 18.38 0.06
C LYS A 44 -11.87 18.26 -1.43
N VAL A 45 -10.89 18.20 -2.34
CA VAL A 45 -11.16 17.88 -3.76
C VAL A 45 -11.66 16.45 -3.90
N LEU A 46 -10.91 15.41 -3.44
CA LEU A 46 -11.46 14.05 -3.43
C LEU A 46 -12.88 14.08 -2.91
N ASP A 47 -13.01 14.61 -1.74
CA ASP A 47 -14.33 14.62 -1.06
C ASP A 47 -15.37 15.33 -1.86
N GLN A 48 -15.08 16.50 -2.35
CA GLN A 48 -16.22 17.35 -2.84
C GLN A 48 -16.52 17.06 -4.31
N VAL A 49 -15.47 16.80 -5.08
CA VAL A 49 -15.63 16.61 -6.52
C VAL A 49 -16.10 15.18 -6.83
N PHE A 50 -15.57 14.18 -6.07
CA PHE A 50 -15.80 12.79 -6.29
C PHE A 50 -16.77 12.16 -5.33
N TYR A 51 -16.43 12.09 -4.04
CA TYR A 51 -17.11 11.21 -3.13
C TYR A 51 -18.51 11.75 -2.88
N GLN A 52 -18.61 13.00 -2.50
CA GLN A 52 -19.94 13.57 -2.16
C GLN A 52 -20.88 13.49 -3.38
N ARG A 53 -20.44 13.97 -4.54
CA ARG A 53 -21.24 13.88 -5.77
C ARG A 53 -21.72 12.48 -6.18
N VAL A 54 -20.81 11.50 -6.24
CA VAL A 54 -21.17 10.17 -6.65
C VAL A 54 -22.12 9.52 -5.68
N SER A 55 -21.94 9.81 -4.40
CA SER A 55 -22.77 9.25 -3.36
C SER A 55 -24.17 9.85 -3.58
N ARG A 56 -24.25 11.12 -3.88
CA ARG A 56 -25.58 11.73 -4.13
C ARG A 56 -26.23 11.17 -5.39
N GLU A 57 -25.44 10.79 -6.39
CA GLU A 57 -26.04 10.30 -7.66
C GLU A 57 -26.50 8.86 -7.49
N GLY A 58 -25.95 8.17 -6.49
CA GLY A 58 -26.38 6.80 -6.21
C GLY A 58 -25.92 5.77 -7.22
N ILE A 59 -24.86 6.09 -7.95
CA ILE A 59 -24.28 5.25 -9.00
C ILE A 59 -23.60 4.00 -8.43
N LEU A 60 -22.90 4.16 -7.29
CA LEU A 60 -22.24 3.07 -6.61
C LEU A 60 -23.05 2.50 -5.46
N SER A 61 -22.82 1.23 -5.23
CA SER A 61 -23.42 0.49 -4.11
C SER A 61 -22.69 0.83 -2.81
N PRO A 62 -23.24 0.46 -1.65
CA PRO A 62 -22.54 0.64 -0.39
C PRO A 62 -21.16 -0.01 -0.44
N SER A 63 -21.02 -1.17 -1.05
CA SER A 63 -19.73 -1.87 -1.04
C SER A 63 -18.67 -1.29 -2.01
N GLU A 64 -19.14 -0.81 -3.15
CA GLU A 64 -18.29 -0.13 -4.14
C GLU A 64 -17.78 1.16 -3.59
N LEU A 65 -18.67 2.04 -3.06
CA LEU A 65 -18.24 3.17 -2.26
C LEU A 65 -17.10 2.89 -1.26
N ARG A 66 -17.31 1.86 -0.46
CA ARG A 66 -16.34 1.45 0.55
C ARG A 66 -15.08 0.97 -0.05
N LYS A 67 -15.18 0.23 -1.14
CA LYS A 67 -13.97 -0.28 -1.77
C LYS A 67 -13.23 0.89 -2.47
N ILE A 68 -13.92 1.97 -2.91
CA ILE A 68 -13.19 3.03 -3.66
C ILE A 68 -12.58 4.12 -2.70
N PHE A 69 -13.39 4.56 -1.75
CA PHE A 69 -13.11 5.69 -0.85
C PHE A 69 -12.85 5.39 0.60
N SER A 70 -13.23 4.18 1.04
CA SER A 70 -12.98 3.69 2.40
C SER A 70 -13.18 4.76 3.41
N ASN A 71 -12.11 5.07 4.12
CA ASN A 71 -12.14 6.00 5.25
C ASN A 71 -11.64 7.36 4.89
N LEU A 72 -11.87 7.79 3.64
CA LEU A 72 -11.70 9.19 3.24
C LEU A 72 -12.27 10.23 4.26
N GLU A 73 -13.44 9.97 4.75
CA GLU A 73 -14.11 10.88 5.73
C GLU A 73 -13.18 11.10 6.99
N ASP A 74 -12.53 10.03 7.46
CA ASP A 74 -11.71 10.17 8.67
C ASP A 74 -10.36 10.76 8.37
N ILE A 75 -9.76 10.48 7.23
CA ILE A 75 -8.45 11.11 6.98
C ILE A 75 -8.70 12.59 6.72
N LEU A 76 -9.80 12.89 6.08
CA LEU A 76 -10.23 14.26 5.96
C LEU A 76 -10.34 14.99 7.30
N GLN A 77 -11.19 14.51 8.23
CA GLN A 77 -11.43 15.17 9.54
C GLN A 77 -10.09 15.22 10.34
N LEU A 78 -9.26 14.20 10.22
CA LEU A 78 -7.99 14.19 10.89
C LEU A 78 -7.06 15.34 10.49
N HIS A 79 -6.90 15.53 9.20
CA HIS A 79 -6.05 16.57 8.61
C HIS A 79 -6.66 17.97 8.76
N ILE A 80 -7.97 18.11 8.69
CA ILE A 80 -8.58 19.38 9.11
C ILE A 80 -8.28 19.71 10.63
N GLY A 81 -8.46 18.73 11.54
CA GLY A 81 -8.15 18.97 12.95
C GLY A 81 -6.69 19.34 13.17
N LEU A 82 -5.80 18.67 12.46
CA LEU A 82 -4.39 18.91 12.59
C LEU A 82 -4.04 20.31 12.09
N ASN A 83 -4.62 20.66 10.93
CA ASN A 83 -4.50 21.98 10.36
C ASN A 83 -5.06 23.06 11.31
N GLU A 84 -6.14 22.80 12.01
CA GLU A 84 -6.69 23.77 12.94
C GLU A 84 -5.74 23.97 14.14
N GLN A 85 -5.05 22.91 14.57
CA GLN A 85 -4.16 22.99 15.71
C GLN A 85 -2.91 23.77 15.28
N MET A 86 -2.54 23.66 14.02
CA MET A 86 -1.40 24.40 13.51
C MET A 86 -1.77 25.87 13.44
N LYS A 87 -2.98 26.17 12.95
CA LYS A 87 -3.48 27.55 12.94
C LYS A 87 -3.44 28.19 14.34
N ALA A 88 -3.80 27.41 15.37
CA ALA A 88 -3.92 27.89 16.73
C ALA A 88 -2.56 28.14 17.33
N VAL A 89 -1.56 27.38 16.90
CA VAL A 89 -0.22 27.60 17.39
C VAL A 89 0.23 29.00 17.00
N ARG A 90 -0.15 29.46 15.81
CA ARG A 90 0.19 30.81 15.32
C ARG A 90 -0.57 31.92 16.01
N LYS A 91 -1.80 31.62 16.37
CA LYS A 91 -2.74 32.55 16.98
C LYS A 91 -2.33 32.86 18.43
N ARG A 92 -1.29 32.19 18.92
CA ARG A 92 -0.83 32.34 20.31
C ARG A 92 -0.20 33.71 20.60
N ASN A 93 0.41 34.33 19.58
CA ASN A 93 0.90 35.71 19.68
C ASN A 93 0.73 36.53 18.38
N GLU A 94 0.48 37.83 18.52
CA GLU A 94 0.27 38.69 17.36
C GLU A 94 1.52 38.87 16.49
N THR A 95 2.70 38.58 17.03
CA THR A 95 3.96 38.70 16.27
C THR A 95 4.01 37.85 14.98
N SER A 96 3.19 36.79 14.91
CA SER A 96 3.25 35.77 13.85
C SER A 96 4.55 34.97 13.91
N VAL A 97 5.40 35.34 14.86
CA VAL A 97 6.58 34.56 15.20
C VAL A 97 6.13 33.46 16.14
N ILE A 98 6.49 32.23 15.80
CA ILE A 98 6.12 31.06 16.57
C ILE A 98 7.26 30.82 17.51
N ASP A 99 6.95 30.48 18.75
CA ASP A 99 7.99 30.18 19.72
C ASP A 99 8.20 28.67 19.73
N GLN A 100 7.99 28.03 20.89
CA GLN A 100 8.30 26.63 21.10
C GLN A 100 7.23 25.80 20.41
N ILE A 101 7.63 24.67 19.83
CA ILE A 101 6.71 23.80 19.09
C ILE A 101 6.88 22.29 19.32
N GLY A 102 7.98 21.88 19.93
CA GLY A 102 8.26 20.47 20.16
C GLY A 102 7.07 19.77 20.79
N GLU A 103 6.47 20.41 21.78
CA GLU A 103 5.43 19.79 22.57
C GLU A 103 4.19 19.57 21.71
N ASP A 104 3.91 20.52 20.83
CA ASP A 104 2.79 20.40 19.90
C ASP A 104 3.03 19.24 18.94
N LEU A 105 4.23 19.16 18.41
CA LEU A 105 4.62 18.06 17.53
C LEU A 105 4.49 16.71 18.22
N LEU A 106 4.77 16.69 19.51
CA LEU A 106 4.60 15.49 20.29
C LEU A 106 3.12 15.13 20.54
N THR A 107 2.26 16.13 20.71
CA THR A 107 0.81 15.92 20.75
C THR A 107 0.22 15.42 19.41
N TRP A 108 0.75 15.92 18.29
CA TRP A 108 0.24 15.61 16.97
C TRP A 108 0.68 14.22 16.51
N PHE A 109 1.90 13.83 16.86
CA PHE A 109 2.58 12.70 16.25
C PHE A 109 3.10 11.64 17.19
N SER A 110 2.73 11.71 18.47
CA SER A 110 3.00 10.62 19.43
C SER A 110 1.76 10.35 20.28
N GLY A 111 1.80 9.31 21.08
CA GLY A 111 0.65 8.98 21.91
C GLY A 111 -0.61 8.81 21.08
N PRO A 112 -1.75 9.31 21.57
CA PRO A 112 -3.02 9.17 20.85
C PRO A 112 -3.02 9.80 19.48
N GLY A 113 -2.21 10.83 19.26
CA GLY A 113 -2.09 11.47 17.97
C GLY A 113 -1.43 10.56 16.96
N GLU A 114 -0.34 9.89 17.36
CA GLU A 114 0.27 8.82 16.55
C GLU A 114 -0.71 7.67 16.23
N GLU A 115 -1.42 7.15 17.24
CA GLU A 115 -2.34 6.01 17.00
C GLU A 115 -3.45 6.38 16.04
N LYS A 116 -4.03 7.55 16.19
CA LYS A 116 -5.09 7.95 15.33
C LYS A 116 -4.58 8.10 13.86
N LEU A 117 -3.43 8.74 13.63
CA LEU A 117 -2.92 8.98 12.31
C LEU A 117 -2.48 7.70 11.68
N LYS A 118 -1.71 6.88 12.39
CA LYS A 118 -1.20 5.67 11.79
C LYS A 118 -2.34 4.71 11.44
N HIS A 119 -3.34 4.53 12.31
CA HIS A 119 -4.47 3.65 11.93
C HIS A 119 -5.34 4.17 10.82
N ALA A 120 -5.52 5.47 10.76
CA ALA A 120 -6.42 6.00 9.74
C ALA A 120 -5.69 5.97 8.40
N ALA A 121 -4.46 6.45 8.39
CA ALA A 121 -3.70 6.41 7.14
C ALA A 121 -3.44 4.97 6.67
N ALA A 122 -3.34 4.04 7.60
CA ALA A 122 -3.01 2.63 7.24
C ALA A 122 -4.20 2.02 6.51
N THR A 123 -5.39 2.38 6.97
CA THR A 123 -6.65 1.92 6.37
C THR A 123 -6.84 2.56 4.97
N PHE A 124 -6.85 3.90 4.90
CA PHE A 124 -6.88 4.56 3.60
C PHE A 124 -5.80 4.05 2.64
N CYS A 125 -4.56 4.11 3.03
CA CYS A 125 -3.49 3.86 2.10
C CYS A 125 -3.32 2.39 1.67
N SER A 126 -3.62 1.46 2.56
CA SER A 126 -3.45 0.01 2.30
C SER A 126 -4.57 -0.44 1.38
N ASN A 127 -5.68 0.29 1.40
CA ASN A 127 -6.76 0.08 0.48
C ASN A 127 -6.61 0.55 -0.96
N GLN A 128 -5.59 1.38 -1.18
CA GLN A 128 -5.36 2.00 -2.44
C GLN A 128 -5.36 1.05 -3.63
N PRO A 129 -4.66 -0.09 -3.60
CA PRO A 129 -4.65 -0.98 -4.76
C PRO A 129 -6.07 -1.56 -4.98
N PHE A 130 -6.79 -1.84 -3.90
CA PHE A 130 -8.14 -2.31 -4.06
C PHE A 130 -8.94 -1.16 -4.69
N ALA A 131 -8.70 0.07 -4.29
CA ALA A 131 -9.66 1.16 -4.65
C ALA A 131 -9.40 1.51 -6.14
N LEU A 132 -8.16 1.37 -6.58
CA LEU A 132 -7.79 1.79 -7.94
C LEU A 132 -8.31 0.74 -8.89
N GLU A 133 -8.42 -0.50 -8.43
CA GLU A 133 -8.85 -1.57 -9.30
C GLU A 133 -10.34 -1.56 -9.40
N MET A 134 -11.01 -1.14 -8.34
CA MET A 134 -12.46 -1.03 -8.35
C MET A 134 -12.90 0.12 -9.26
N ILE A 135 -12.22 1.25 -9.20
CA ILE A 135 -12.42 2.35 -10.13
C ILE A 135 -12.33 1.86 -11.58
N LYS A 136 -11.25 1.16 -11.98
CA LYS A 136 -11.16 0.61 -13.32
C LYS A 136 -12.28 -0.35 -13.67
N SER A 137 -12.66 -1.21 -12.72
CA SER A 137 -13.65 -2.22 -13.03
C SER A 137 -15.00 -1.53 -13.15
N ARG A 138 -15.31 -0.52 -12.37
CA ARG A 138 -16.61 0.18 -12.60
C ARG A 138 -16.55 1.01 -13.88
N GLN A 139 -15.39 1.54 -14.26
CA GLN A 139 -15.30 2.32 -15.50
C GLN A 139 -15.64 1.38 -16.69
N LYS A 140 -15.14 0.15 -16.56
CA LYS A 140 -15.19 -0.86 -17.59
C LYS A 140 -16.59 -1.50 -17.76
N LYS A 141 -17.37 -1.54 -16.68
CA LYS A 141 -18.64 -2.22 -16.67
C LYS A 141 -19.81 -1.30 -16.58
N ASP A 142 -19.63 -0.09 -16.06
CA ASP A 142 -20.79 0.81 -15.79
C ASP A 142 -20.68 2.21 -16.45
N SER A 143 -21.33 2.37 -17.60
CA SER A 143 -21.38 3.64 -18.28
C SER A 143 -21.64 4.86 -17.40
N ARG A 144 -22.52 4.73 -16.42
CA ARG A 144 -22.91 5.86 -15.60
C ARG A 144 -21.75 6.32 -14.73
N PHE A 145 -20.87 5.39 -14.34
CA PHE A 145 -19.75 5.74 -13.49
C PHE A 145 -18.58 6.23 -14.36
N GLN A 146 -18.40 5.62 -15.53
CA GLN A 146 -17.43 6.16 -16.50
C GLN A 146 -17.77 7.64 -16.79
N THR A 147 -19.05 7.90 -17.06
CA THR A 147 -19.47 9.27 -17.34
C THR A 147 -19.17 10.15 -16.16
N PHE A 148 -19.63 9.74 -15.00
CA PHE A 148 -19.40 10.51 -13.76
C PHE A 148 -17.94 10.87 -13.58
N VAL A 149 -17.04 9.90 -13.69
CA VAL A 149 -15.67 10.11 -13.42
C VAL A 149 -15.06 11.06 -14.45
N GLN A 150 -15.38 10.85 -15.74
CA GLN A 150 -14.87 11.74 -16.78
C GLN A 150 -15.36 13.15 -16.58
N ASP A 151 -16.64 13.33 -16.30
CA ASP A 151 -17.11 14.67 -15.99
C ASP A 151 -16.32 15.27 -14.81
N ALA A 152 -16.18 14.50 -13.71
CA ALA A 152 -15.61 15.07 -12.50
C ALA A 152 -14.18 15.50 -12.73
N GLU A 153 -13.41 14.69 -13.45
CA GLU A 153 -12.01 14.94 -13.72
C GLU A 153 -11.80 16.15 -14.68
N SER A 154 -12.85 16.55 -15.36
CA SER A 154 -12.83 17.78 -16.13
C SER A 154 -12.92 19.04 -15.25
N ASN A 155 -13.42 18.91 -14.00
CA ASN A 155 -13.40 20.02 -13.03
C ASN A 155 -12.00 20.62 -12.92
N PRO A 156 -11.84 21.93 -13.07
CA PRO A 156 -10.50 22.56 -12.89
C PRO A 156 -9.80 22.26 -11.58
N LEU A 157 -10.55 21.94 -10.51
CA LEU A 157 -9.92 21.65 -9.20
C LEU A 157 -9.02 20.42 -9.26
N CYS A 158 -9.24 19.59 -10.27
CA CYS A 158 -8.49 18.39 -10.47
C CYS A 158 -7.15 18.66 -11.11
N ARG A 159 -7.01 19.85 -11.70
CA ARG A 159 -5.75 20.23 -12.31
C ARG A 159 -5.26 19.19 -13.33
N ARG A 160 -6.16 18.64 -14.17
CA ARG A 160 -5.81 17.67 -15.25
C ARG A 160 -5.30 16.34 -14.72
N LEU A 161 -5.69 15.97 -13.52
CA LEU A 161 -5.24 14.73 -12.88
C LEU A 161 -6.42 13.79 -12.71
N GLN A 162 -6.19 12.49 -12.86
CA GLN A 162 -7.28 11.54 -12.70
C GLN A 162 -7.46 11.15 -11.23
N LEU A 163 -8.66 10.68 -10.89
CA LEU A 163 -8.98 10.07 -9.60
C LEU A 163 -7.84 9.19 -9.16
N LYS A 164 -7.43 8.28 -10.00
CA LYS A 164 -6.34 7.38 -9.67
C LYS A 164 -5.08 8.13 -9.24
N ASP A 165 -4.86 9.34 -9.75
CA ASP A 165 -3.69 10.12 -9.40
C ASP A 165 -3.86 11.01 -8.18
N ILE A 166 -5.09 11.27 -7.75
CA ILE A 166 -5.29 12.11 -6.56
C ILE A 166 -5.27 11.27 -5.30
N ILE A 167 -5.80 10.08 -5.37
CA ILE A 167 -5.91 9.25 -4.20
C ILE A 167 -4.60 8.98 -3.49
N PRO A 168 -3.55 8.73 -4.26
CA PRO A 168 -2.21 8.51 -3.68
C PRO A 168 -1.57 9.74 -2.93
N THR A 169 -2.34 10.84 -2.76
CA THR A 169 -1.82 12.01 -2.09
C THR A 169 -1.69 11.76 -0.59
N GLN A 170 -2.57 10.92 0.02
CA GLN A 170 -2.42 10.59 1.43
C GLN A 170 -1.07 9.88 1.73
N MET A 171 -0.74 8.82 1.00
CA MET A 171 0.54 8.14 1.24
C MET A 171 1.67 9.13 1.08
N GLN A 172 1.63 10.01 0.07
CA GLN A 172 2.78 10.87 -0.22
C GLN A 172 3.03 11.80 0.98
N ARG A 173 1.94 12.36 1.50
CA ARG A 173 1.96 13.23 2.65
C ARG A 173 2.68 12.61 3.85
N LEU A 174 2.39 11.36 4.09
CA LEU A 174 3.00 10.67 5.18
C LEU A 174 4.49 10.45 4.97
N THR A 175 4.98 10.39 3.75
CA THR A 175 6.44 10.31 3.50
C THR A 175 7.12 11.65 3.83
N LYS A 176 6.35 12.74 3.83
CA LYS A 176 6.87 14.11 4.02
C LYS A 176 7.07 14.52 5.49
N TYR A 177 6.24 14.02 6.40
CA TYR A 177 6.35 14.47 7.79
C TYR A 177 7.74 14.31 8.39
N PRO A 178 8.41 13.18 8.17
CA PRO A 178 9.73 13.00 8.79
C PRO A 178 10.74 14.09 8.39
N LEU A 179 10.71 14.48 7.12
CA LEU A 179 11.70 15.40 6.57
C LEU A 179 11.39 16.81 7.08
N LEU A 180 10.12 17.16 7.04
CA LEU A 180 9.67 18.44 7.59
C LEU A 180 10.07 18.64 9.04
N LEU A 181 9.93 17.61 9.87
CA LEU A 181 10.28 17.68 11.28
C LEU A 181 11.80 17.66 11.48
N ASP A 182 12.53 16.88 10.70
CA ASP A 182 13.98 16.90 10.75
C ASP A 182 14.52 18.32 10.48
N ASN A 183 13.85 19.05 9.61
CA ASN A 183 14.34 20.38 9.22
C ASN A 183 14.04 21.39 10.30
N ILE A 184 12.91 21.23 10.97
CA ILE A 184 12.62 22.06 12.11
C ILE A 184 13.71 21.78 13.16
N ALA A 185 14.03 20.51 13.39
CA ALA A 185 15.04 20.15 14.38
C ALA A 185 16.40 20.78 14.06
N LYS A 186 16.73 20.76 12.79
CA LYS A 186 17.98 21.29 12.28
C LYS A 186 18.20 22.74 12.72
N TYR A 187 17.16 23.57 12.68
CA TYR A 187 17.28 24.99 13.03
C TYR A 187 16.71 25.27 14.42
N THR A 188 16.82 24.29 15.31
CA THR A 188 16.38 24.45 16.68
C THR A 188 17.66 24.40 17.50
N GLU A 189 17.94 25.49 18.19
CA GLU A 189 19.23 25.62 18.87
C GLU A 189 19.23 24.93 20.22
N TRP A 190 18.18 25.17 21.00
CA TRP A 190 18.22 24.89 22.41
C TRP A 190 17.73 23.48 22.72
N PRO A 191 18.53 22.73 23.48
CA PRO A 191 18.52 21.26 23.43
C PRO A 191 17.21 20.59 23.82
N THR A 192 16.48 21.14 24.79
CA THR A 192 15.27 20.51 25.31
C THR A 192 14.16 20.58 24.25
N GLU A 193 14.15 21.68 23.52
CA GLU A 193 13.19 21.89 22.44
C GLU A 193 13.53 21.01 21.25
N ARG A 194 14.82 20.98 20.89
CA ARG A 194 15.30 20.17 19.77
C ARG A 194 15.08 18.68 20.01
N GLU A 195 15.33 18.21 21.23
CA GLU A 195 15.12 16.80 21.53
C GLU A 195 13.68 16.33 21.29
N LYS A 196 12.72 17.21 21.56
CA LYS A 196 11.32 16.94 21.38
C LYS A 196 10.98 16.86 19.90
N VAL A 197 11.53 17.80 19.13
CA VAL A 197 11.28 17.86 17.71
C VAL A 197 11.78 16.57 17.09
N LYS A 198 13.02 16.18 17.41
CA LYS A 198 13.59 14.95 16.86
C LYS A 198 12.85 13.68 17.31
N LYS A 199 12.27 13.71 18.52
CA LYS A 199 11.51 12.57 19.01
C LYS A 199 10.23 12.39 18.14
N ALA A 200 9.49 13.49 17.95
CA ALA A 200 8.34 13.55 17.06
C ALA A 200 8.69 13.13 15.64
N ALA A 201 9.85 13.54 15.16
CA ALA A 201 10.32 13.13 13.83
C ALA A 201 10.45 11.61 13.76
N ASP A 202 11.05 10.99 14.79
CA ASP A 202 11.19 9.52 14.83
C ASP A 202 9.84 8.81 14.91
N HIS A 203 8.91 9.32 15.72
CA HIS A 203 7.53 8.84 15.70
C HIS A 203 6.96 8.94 14.28
N CYS A 204 7.18 10.05 13.57
CA CYS A 204 6.61 10.16 12.22
C CYS A 204 7.18 9.04 11.35
N ARG A 205 8.45 8.74 11.56
CA ARG A 205 9.08 7.62 10.87
C ARG A 205 8.45 6.29 11.25
N GLN A 206 8.19 6.06 12.54
CA GLN A 206 7.45 4.87 13.00
C GLN A 206 6.06 4.75 12.32
N ILE A 207 5.32 5.84 12.29
CA ILE A 207 4.01 5.90 11.64
C ILE A 207 4.10 5.52 10.16
N LEU A 208 5.05 6.12 9.46
CA LEU A 208 5.26 5.83 8.07
C LEU A 208 5.54 4.35 7.90
N ASN A 209 6.49 3.79 8.67
CA ASN A 209 6.80 2.37 8.59
C ASN A 209 5.61 1.44 8.84
N PHE A 210 4.69 1.82 9.73
CA PHE A 210 3.47 1.05 10.03
C PHE A 210 2.54 1.14 8.85
N VAL A 211 2.45 2.32 8.27
CA VAL A 211 1.59 2.46 7.11
C VAL A 211 2.17 1.68 5.94
N ASN A 212 3.45 1.88 5.65
CA ASN A 212 4.12 1.12 4.59
C ASN A 212 4.00 -0.39 4.68
N GLN A 213 3.89 -0.93 5.88
CA GLN A 213 3.93 -2.39 6.05
C GLN A 213 2.52 -2.92 5.75
N ALA A 214 1.52 -2.14 6.15
CA ALA A 214 0.14 -2.45 5.86
C ALA A 214 -0.07 -2.40 4.35
N VAL A 215 0.61 -1.48 3.67
CA VAL A 215 0.46 -1.31 2.23
C VAL A 215 1.01 -2.52 1.54
N LYS A 216 2.21 -2.94 1.92
CA LYS A 216 2.81 -4.17 1.42
C LYS A 216 1.87 -5.37 1.61
N GLU A 217 1.41 -5.61 2.85
CA GLU A 217 0.46 -6.70 3.15
C GLU A 217 -0.68 -6.61 2.16
N ALA A 218 -1.27 -5.43 2.01
CA ALA A 218 -2.40 -5.27 1.12
C ALA A 218 -2.08 -5.42 -0.38
N GLU A 219 -1.00 -4.88 -0.89
CA GLU A 219 -0.66 -5.14 -2.30
C GLU A 219 -0.52 -6.66 -2.59
N ASN A 220 -0.04 -7.44 -1.62
CA ASN A 220 0.07 -8.88 -1.81
C ASN A 220 -1.30 -9.52 -1.91
N LYS A 221 -2.26 -9.11 -1.06
CA LYS A 221 -3.62 -9.66 -1.10
C LYS A 221 -4.38 -9.26 -2.36
N GLN A 222 -4.18 -8.04 -2.86
CA GLN A 222 -4.95 -7.56 -4.00
C GLN A 222 -4.41 -8.24 -5.28
N ARG A 223 -3.13 -8.59 -5.29
CA ARG A 223 -2.57 -9.35 -6.40
C ARG A 223 -3.25 -10.71 -6.48
N LEU A 224 -3.31 -11.38 -5.35
CA LEU A 224 -4.04 -12.64 -5.24
C LEU A 224 -5.46 -12.53 -5.63
N GLU A 225 -6.13 -11.47 -5.17
CA GLU A 225 -7.57 -11.32 -5.44
C GLU A 225 -7.82 -11.24 -6.96
N ASP A 226 -6.86 -10.61 -7.61
CA ASP A 226 -6.78 -10.52 -9.06
C ASP A 226 -6.52 -11.89 -9.66
N TYR A 227 -5.54 -12.62 -9.11
CA TYR A 227 -5.26 -13.96 -9.62
C TYR A 227 -6.50 -14.82 -9.40
N GLN A 228 -7.10 -14.74 -8.22
CA GLN A 228 -8.30 -15.54 -7.91
C GLN A 228 -9.44 -15.25 -8.85
N ARG A 229 -9.46 -14.04 -9.40
CA ARG A 229 -10.54 -13.65 -10.33
C ARG A 229 -10.29 -14.29 -11.70
N ARG A 230 -9.04 -14.22 -12.16
CA ARG A 230 -8.65 -14.73 -13.48
C ARG A 230 -8.56 -16.29 -13.55
N LEU A 231 -8.61 -16.93 -12.38
CA LEU A 231 -8.55 -18.39 -12.24
C LEU A 231 -9.67 -19.07 -13.03
N ASP A 232 -9.28 -20.02 -13.89
CA ASP A 232 -10.19 -20.71 -14.81
C ASP A 232 -10.22 -22.22 -14.54
N THR A 233 -11.23 -22.67 -13.80
CA THR A 233 -11.49 -24.09 -13.58
C THR A 233 -12.58 -24.59 -14.55
N SER A 234 -12.24 -24.68 -15.83
CA SER A 234 -13.20 -25.09 -16.87
C SER A 234 -13.20 -26.60 -17.07
N SER A 235 -12.03 -27.23 -16.88
CA SER A 235 -11.87 -28.67 -17.07
C SER A 235 -12.58 -29.50 -15.98
N LEU A 236 -12.47 -29.07 -14.72
CA LEU A 236 -13.25 -29.66 -13.61
C LEU A 236 -14.58 -28.91 -13.46
N VAL A 244 -11.14 -34.06 -6.09
CA VAL A 244 -12.10 -33.76 -7.15
C VAL A 244 -12.93 -32.51 -6.83
N GLU A 245 -13.42 -32.39 -5.60
CA GLU A 245 -14.28 -31.27 -5.18
C GLU A 245 -13.48 -30.10 -4.58
N GLU A 246 -12.42 -30.44 -3.84
CA GLU A 246 -11.49 -29.44 -3.32
C GLU A 246 -11.03 -28.48 -4.41
N LEU A 247 -10.62 -29.06 -5.54
CA LEU A 247 -9.82 -28.36 -6.54
C LEU A 247 -10.58 -27.27 -7.32
N ARG A 248 -11.82 -27.56 -7.72
CA ARG A 248 -12.59 -26.61 -8.53
C ARG A 248 -13.09 -25.40 -7.74
N ASN A 249 -13.29 -25.57 -6.43
CA ASN A 249 -13.65 -24.47 -5.55
C ASN A 249 -12.41 -23.80 -4.92
N LEU A 250 -11.24 -23.97 -5.54
CA LEU A 250 -9.99 -23.50 -4.97
C LEU A 250 -10.02 -21.99 -4.79
N ASP A 251 -9.71 -21.56 -3.57
CA ASP A 251 -9.70 -20.16 -3.22
C ASP A 251 -8.33 -19.71 -2.74
N LEU A 252 -7.54 -19.16 -3.67
CA LEU A 252 -6.23 -18.58 -3.36
C LEU A 252 -6.27 -17.59 -2.21
N THR A 253 -7.34 -16.78 -2.13
CA THR A 253 -7.41 -15.66 -1.17
C THR A 253 -7.47 -16.08 0.31
N LYS A 254 -7.75 -17.35 0.59
CA LYS A 254 -7.84 -17.82 1.97
C LYS A 254 -6.48 -18.28 2.51
N ARG A 255 -5.41 -17.98 1.78
CA ARG A 255 -4.06 -18.10 2.28
C ARG A 255 -3.19 -17.01 1.67
N LYS A 256 -2.10 -16.65 2.35
CA LYS A 256 -1.22 -15.61 1.85
C LYS A 256 -0.23 -16.17 0.83
N MET A 257 0.10 -15.36 -0.18
CA MET A 257 1.11 -15.70 -1.20
C MET A 257 2.49 -15.32 -0.71
N ILE A 258 3.45 -16.21 -0.92
CA ILE A 258 4.84 -16.04 -0.49
C ILE A 258 5.77 -15.78 -1.68
N HIS A 259 5.49 -16.42 -2.81
CA HIS A 259 6.32 -16.26 -4.00
C HIS A 259 5.52 -16.50 -5.29
N GLU A 260 6.04 -15.98 -6.39
CA GLU A 260 5.49 -16.24 -7.71
C GLU A 260 6.52 -16.04 -8.82
N GLY A 261 6.35 -16.75 -9.94
CA GLY A 261 7.18 -16.54 -11.11
C GLY A 261 6.88 -17.45 -12.29
N PRO A 262 7.58 -17.21 -13.40
CA PRO A 262 7.54 -18.14 -14.54
C PRO A 262 8.42 -19.41 -14.31
N LEU A 263 7.76 -20.56 -14.18
CA LEU A 263 8.44 -21.87 -14.28
C LEU A 263 8.04 -22.55 -15.59
N VAL A 264 8.80 -23.58 -15.96
CA VAL A 264 8.49 -24.46 -17.09
C VAL A 264 8.09 -25.80 -16.47
N TRP A 265 7.42 -26.66 -17.23
CA TRP A 265 7.05 -27.99 -16.73
C TRP A 265 7.34 -29.08 -17.75
N LYS A 266 8.50 -29.74 -17.58
CA LYS A 266 8.87 -30.90 -18.39
C LYS A 266 7.97 -32.08 -18.00
N VAL A 267 6.95 -32.33 -18.82
CA VAL A 267 6.04 -33.46 -18.61
C VAL A 267 6.68 -34.71 -19.22
N ASN A 268 7.17 -34.58 -20.46
CA ASN A 268 8.06 -35.56 -21.10
C ASN A 268 9.29 -34.84 -21.65
N ARG A 269 10.17 -35.59 -22.29
CA ARG A 269 11.27 -35.01 -23.05
C ARG A 269 10.72 -34.24 -24.25
N ASP A 270 9.68 -34.80 -24.86
CA ASP A 270 9.08 -34.22 -26.07
C ASP A 270 8.26 -32.95 -25.80
N LYS A 271 7.57 -32.90 -24.65
CA LYS A 271 6.61 -31.83 -24.36
C LYS A 271 7.02 -30.92 -23.19
N THR A 272 6.51 -29.68 -23.21
CA THR A 272 6.79 -28.67 -22.18
C THR A 272 5.61 -27.72 -22.02
N ILE A 273 5.11 -27.57 -20.80
CA ILE A 273 4.03 -26.62 -20.50
C ILE A 273 4.59 -25.37 -19.79
N ASP A 274 4.61 -24.24 -20.49
CA ASP A 274 5.05 -22.97 -19.90
C ASP A 274 4.06 -22.56 -18.81
N LEU A 275 4.56 -22.40 -17.59
CA LEU A 275 3.71 -22.07 -16.44
C LEU A 275 4.01 -20.70 -15.88
N TYR A 276 3.02 -20.20 -15.15
CA TYR A 276 3.19 -19.22 -14.10
C TYR A 276 2.73 -19.89 -12.82
N THR A 277 3.56 -19.83 -11.79
CA THR A 277 3.42 -20.69 -10.62
C THR A 277 3.32 -19.84 -9.38
N LEU A 278 2.57 -20.31 -8.41
CA LEU A 278 2.38 -19.54 -7.19
C LEU A 278 2.64 -20.37 -5.99
N LEU A 279 3.67 -19.99 -5.24
CA LEU A 279 3.90 -20.54 -3.90
C LEU A 279 3.06 -19.80 -2.86
N LEU A 280 2.08 -20.49 -2.30
CA LEU A 280 1.25 -19.97 -1.22
C LEU A 280 1.63 -20.60 0.11
N GLU A 281 0.93 -20.23 1.18
CA GLU A 281 1.28 -20.67 2.54
C GLU A 281 1.43 -22.19 2.64
N ASP A 282 0.51 -22.90 2.00
CA ASP A 282 0.32 -24.33 2.20
C ASP A 282 0.22 -25.15 0.92
N ILE A 283 0.19 -24.49 -0.23
CA ILE A 283 0.16 -25.17 -1.53
C ILE A 283 1.03 -24.47 -2.56
N LEU A 284 1.58 -25.25 -3.47
CA LEU A 284 2.16 -24.72 -4.69
C LEU A 284 1.05 -24.86 -5.72
N VAL A 285 0.91 -23.88 -6.60
CA VAL A 285 -0.18 -23.86 -7.57
C VAL A 285 0.40 -23.69 -8.95
N LEU A 286 -0.02 -24.55 -9.86
CA LEU A 286 0.53 -24.57 -11.19
C LEU A 286 -0.55 -24.06 -12.13
N LEU A 287 -0.23 -22.95 -12.81
CA LEU A 287 -1.19 -22.28 -13.69
C LEU A 287 -0.57 -22.03 -15.07
N GLN A 288 -1.42 -21.78 -16.07
CA GLN A 288 -1.00 -21.55 -17.46
C GLN A 288 -1.52 -20.20 -17.98
N LYS A 289 -0.61 -19.36 -18.49
CA LYS A 289 -0.97 -18.04 -19.03
C LYS A 289 -1.60 -18.15 -20.44
N GLN A 290 -2.93 -18.26 -20.49
CA GLN A 290 -3.66 -18.34 -21.76
C GLN A 290 -4.50 -17.08 -21.99
N ASP A 291 -3.91 -16.11 -22.69
CA ASP A 291 -4.46 -14.76 -22.81
C ASP A 291 -4.68 -14.16 -21.41
N ASP A 292 -5.92 -13.81 -21.06
CA ASP A 292 -6.23 -13.19 -19.77
C ASP A 292 -6.25 -14.20 -18.61
N ARG A 293 -6.68 -15.44 -18.90
CA ARG A 293 -7.00 -16.40 -17.85
C ARG A 293 -5.76 -17.02 -17.21
N LEU A 294 -6.00 -17.73 -16.11
CA LEU A 294 -5.00 -18.52 -15.42
C LEU A 294 -5.61 -19.88 -15.14
N VAL A 295 -5.17 -20.90 -15.87
CA VAL A 295 -5.90 -22.17 -15.93
C VAL A 295 -5.42 -23.18 -14.90
N LEU A 296 -6.39 -23.77 -14.20
CA LEU A 296 -6.14 -24.88 -13.28
C LEU A 296 -6.61 -26.18 -13.96
N ARG A 297 -5.64 -26.95 -14.48
CA ARG A 297 -5.91 -28.21 -15.19
C ARG A 297 -4.73 -29.21 -15.11
N CYS A 298 -4.83 -30.34 -15.82
CA CYS A 298 -3.78 -31.37 -15.81
C CYS A 298 -3.18 -31.62 -17.20
N THR A 312 -3.90 -37.72 -14.13
CA THR A 312 -3.90 -37.93 -12.68
C THR A 312 -2.99 -36.95 -11.93
N PHE A 313 -2.19 -36.17 -12.66
CA PHE A 313 -1.23 -35.22 -12.05
C PHE A 313 -1.90 -33.88 -11.66
N SER A 314 -2.06 -33.64 -10.35
CA SER A 314 -2.73 -32.42 -9.87
C SER A 314 -1.88 -31.15 -10.08
N PRO A 315 -2.52 -30.05 -10.50
CA PRO A 315 -1.85 -28.74 -10.57
C PRO A 315 -1.71 -28.08 -9.19
N VAL A 316 -2.40 -28.59 -8.19
CA VAL A 316 -2.22 -28.17 -6.80
C VAL A 316 -1.44 -29.23 -6.06
N ILE A 317 -0.26 -28.85 -5.57
CA ILE A 317 0.59 -29.74 -4.80
C ILE A 317 0.59 -29.33 -3.33
N LYS A 318 0.05 -30.18 -2.47
CA LYS A 318 0.04 -29.91 -1.04
C LYS A 318 1.46 -29.93 -0.47
N LEU A 319 1.90 -28.80 0.09
CA LEU A 319 3.26 -28.66 0.64
C LEU A 319 3.54 -29.61 1.82
N SER A 320 2.47 -30.09 2.46
CA SER A 320 2.58 -31.01 3.58
C SER A 320 3.27 -32.34 3.23
N THR A 321 3.34 -32.63 1.93
CA THR A 321 3.84 -33.89 1.41
C THR A 321 5.09 -33.71 0.55
N VAL A 322 5.58 -32.49 0.40
CA VAL A 322 6.59 -32.20 -0.61
C VAL A 322 8.01 -32.45 -0.10
N LEU A 323 8.82 -32.99 -1.00
CA LEU A 323 10.26 -33.03 -0.88
C LEU A 323 10.81 -32.39 -2.16
N VAL A 324 11.86 -31.61 -2.02
CA VAL A 324 12.45 -30.94 -3.19
C VAL A 324 13.92 -31.35 -3.29
N ARG A 325 14.43 -31.43 -4.51
CA ARG A 325 15.84 -31.72 -4.76
C ARG A 325 16.27 -31.06 -6.06
N GLN A 326 17.45 -30.43 -6.06
CA GLN A 326 18.06 -29.93 -7.28
C GLN A 326 18.31 -31.08 -8.25
N VAL A 327 18.42 -30.78 -9.54
CA VAL A 327 18.68 -31.78 -10.58
C VAL A 327 20.11 -31.65 -11.12
N ALA A 328 20.88 -32.74 -11.01
CA ALA A 328 22.27 -32.78 -11.46
C ALA A 328 22.42 -32.62 -12.99
N THR A 329 21.63 -33.38 -13.74
CA THR A 329 21.64 -33.31 -15.21
C THR A 329 20.95 -32.05 -15.71
N ASN A 331 19.17 -29.88 -15.75
CA ASN A 331 19.25 -28.43 -15.78
C ASN A 331 19.21 -27.85 -14.36
N LYS A 332 19.14 -26.52 -14.27
CA LYS A 332 18.92 -25.84 -12.98
C LYS A 332 17.40 -25.74 -12.78
N ALA A 333 16.86 -26.94 -12.58
CA ALA A 333 15.47 -27.22 -12.36
C ALA A 333 15.39 -27.88 -11.00
N LEU A 334 14.20 -28.36 -10.65
CA LEU A 334 13.97 -29.00 -9.37
C LEU A 334 13.02 -30.15 -9.59
N PHE A 335 13.10 -31.13 -8.71
CA PHE A 335 12.11 -32.17 -8.63
C PHE A 335 11.26 -31.81 -7.44
N VAL A 336 10.01 -31.47 -7.70
CA VAL A 336 9.06 -31.34 -6.64
C VAL A 336 8.42 -32.70 -6.59
N ILE A 337 8.32 -33.25 -5.39
CA ILE A 337 7.95 -34.62 -5.21
C ILE A 337 6.82 -34.68 -4.20
N SER A 338 5.62 -35.00 -4.67
CA SER A 338 4.46 -35.11 -3.76
C SER A 338 4.23 -36.55 -3.31
N MET A 339 4.02 -36.71 -2.00
CA MET A 339 3.85 -38.01 -1.35
C MET A 339 2.40 -38.26 -0.93
N SER A 340 1.78 -39.29 -1.52
CA SER A 340 0.50 -39.79 -1.03
C SER A 340 0.74 -41.13 -0.32
N ASP A 341 -0.32 -41.71 0.22
CA ASP A 341 -0.26 -43.04 0.81
C ASP A 341 0.00 -44.14 -0.23
N ASN A 342 -0.06 -43.78 -1.52
CA ASN A 342 0.32 -44.69 -2.61
C ASN A 342 1.83 -44.69 -2.82
N GLY A 343 2.35 -43.57 -3.31
CA GLY A 343 3.77 -43.43 -3.60
C GLY A 343 4.11 -41.97 -3.88
N ALA A 344 4.70 -41.72 -5.05
CA ALA A 344 5.16 -40.39 -5.39
C ALA A 344 4.87 -40.02 -6.85
N GLN A 345 4.46 -38.77 -7.05
CA GLN A 345 4.44 -38.16 -8.37
C GLN A 345 5.62 -37.20 -8.38
N ILE A 346 6.18 -36.94 -9.56
CA ILE A 346 7.32 -36.03 -9.68
C ILE A 346 7.02 -34.96 -10.71
N TYR A 347 7.19 -33.72 -10.30
CA TYR A 347 7.09 -32.58 -11.20
C TYR A 347 8.51 -32.09 -11.39
N GLU A 348 8.97 -32.08 -12.64
CA GLU A 348 10.21 -31.41 -13.00
C GLU A 348 9.87 -29.99 -13.46
N LEU A 349 10.28 -28.99 -12.67
CA LEU A 349 9.99 -27.58 -12.96
C LEU A 349 11.28 -26.79 -13.14
N VAL A 350 11.41 -26.13 -14.27
CA VAL A 350 12.65 -25.45 -14.68
C VAL A 350 12.49 -23.93 -14.67
N ALA A 351 13.28 -23.26 -13.83
CA ALA A 351 13.28 -21.80 -13.79
C ALA A 351 14.25 -21.25 -14.82
N GLN A 352 14.22 -19.93 -14.98
CA GLN A 352 14.93 -19.24 -16.07
C GLN A 352 16.40 -18.97 -15.74
N THR A 353 16.73 -18.91 -14.46
CA THR A 353 18.12 -18.73 -14.03
C THR A 353 18.44 -19.58 -12.81
N VAL A 354 19.74 -19.78 -12.56
CA VAL A 354 20.18 -20.49 -11.37
C VAL A 354 19.73 -19.70 -10.12
N SER A 355 19.91 -18.39 -10.16
CA SER A 355 19.62 -17.57 -8.99
C SER A 355 18.18 -17.73 -8.49
N GLU A 356 17.21 -17.71 -9.40
CA GLU A 356 15.80 -17.78 -9.02
C GLU A 356 15.35 -19.16 -8.51
N LYS A 357 15.86 -20.25 -9.10
CA LYS A 357 15.51 -21.58 -8.63
C LYS A 357 16.06 -21.87 -7.24
N THR A 358 17.04 -21.10 -6.79
CA THR A 358 17.57 -21.27 -5.43
C THR A 358 16.64 -20.58 -4.44
N VAL A 359 16.02 -19.48 -4.88
CA VAL A 359 14.93 -18.85 -4.13
C VAL A 359 13.72 -19.80 -4.08
N TRP A 360 13.32 -20.35 -5.22
CA TRP A 360 12.18 -21.26 -5.28
C TRP A 360 12.39 -22.45 -4.34
N GLN A 361 13.58 -23.06 -4.42
CA GLN A 361 13.90 -24.20 -3.57
C GLN A 361 13.88 -23.78 -2.11
N ASP A 362 14.55 -22.68 -1.81
CA ASP A 362 14.69 -22.24 -0.42
C ASP A 362 13.33 -21.93 0.20
N LEU A 363 12.43 -21.33 -0.59
CA LEU A 363 11.14 -20.91 -0.08
C LEU A 363 10.15 -22.06 0.01
N ILE A 364 10.12 -22.93 -1.00
CA ILE A 364 9.22 -24.08 -0.96
C ILE A 364 9.52 -24.91 0.29
N CYS A 365 10.79 -25.14 0.55
CA CYS A 365 11.25 -25.90 1.72
C CYS A 365 10.95 -25.18 3.05
N ARG A 366 11.06 -23.86 3.04
CA ARG A 366 10.70 -23.06 4.21
C ARG A 366 9.21 -23.27 4.55
N MET A 367 8.37 -23.18 3.53
CA MET A 367 6.92 -23.34 3.70
C MET A 367 6.52 -24.78 3.96
N ALA A 368 7.25 -25.72 3.35
CA ALA A 368 6.93 -27.13 3.44
C ALA A 368 7.25 -27.64 4.84
N ALA A 369 8.38 -27.17 5.38
CA ALA A 369 8.82 -27.56 6.71
C ALA A 369 8.03 -26.85 7.80
N SER A 370 7.37 -25.75 7.45
CA SER A 370 6.54 -25.01 8.39
C SER A 370 5.22 -25.72 8.67
N VAL A 371 4.62 -26.27 7.61
CA VAL A 371 3.35 -27.00 7.71
C VAL A 371 3.54 -28.35 8.42
N LYS A 372 4.62 -29.04 8.07
CA LYS A 372 4.99 -30.32 8.71
C LYS A 372 5.35 -30.13 10.19
N GLU A 373 5.78 -28.91 10.54
CA GLU A 373 6.07 -28.55 11.92
C GLU A 373 4.80 -28.34 12.75
N GLN A 374 3.80 -27.69 12.15
CA GLN A 374 2.56 -27.34 12.85
C GLN A 374 1.71 -28.58 13.24
N SER A 375 2.00 -29.72 12.60
CA SER A 375 1.44 -31.01 13.02
C SER A 375 1.97 -31.41 14.41
#